data_8T93
#
_entry.id   8T93
#
_cell.length_a   64.671
_cell.length_b   103.415
_cell.length_c   103.674
_cell.angle_alpha   90.00
_cell.angle_beta   90.00
_cell.angle_gamma   90.00
#
_symmetry.space_group_name_H-M   'C 2 2 21'
#
loop_
_entity.id
_entity.type
_entity.pdbx_description
1 polymer Kinase
2 non-polymer "ADENOSINE-5'-DIPHOSPHATE"
3 non-polymer 'MAGNESIUM ION'
4 non-polymer '(1R,2S,3S,4R,5S,6S)-5,6-dihydroxycyclohexane-1,2,3,4-tetrayl tetrakis[dihydrogen (phosphate)]'
5 water water
#
_entity_poly.entity_id   1
_entity_poly.type   'polypeptide(L)'
_entity_poly.pdbx_seq_one_letter_code
;DITNMSNIDLQSSKSVADEVIADIAEIVNKESIRIFPRIAGRSYIIYGQTSGIICKRMEKSDNEFVIYNYISEHYDKFLK
KYVPKLYGKNNDMLLLEDLTYNYNNPNVMDVKIGARKRKSHTSGFFSIRGYTNSHDYKFDPDEYLTSESTINHIKNFMEA
GGENRDKTKQVLLKWIMKLSELANDLFEINLKFDGVSLIFIYDDDCSKCDVNVVDFSRVKLIDTNDQMTISAVTNLIKIL
SELADNPLN
;
_entity_poly.pdbx_strand_id   A
#
loop_
_chem_comp.id
_chem_comp.type
_chem_comp.name
_chem_comp.formula
ADP non-polymer ADENOSINE-5'-DIPHOSPHATE 'C10 H15 N5 O10 P2'
MG non-polymer 'MAGNESIUM ION' 'Mg 2'
ZNQ non-polymer '(1R,2S,3S,4R,5S,6S)-5,6-dihydroxycyclohexane-1,2,3,4-tetrayl tetrakis[dihydrogen (phosphate)]' 'C6 H16 O18 P4'
#
# COMPACT_ATOMS: atom_id res chain seq x y z
N SER A 32 -14.30 -16.85 -18.24
CA SER A 32 -13.63 -15.76 -18.99
C SER A 32 -12.98 -14.79 -17.98
N ILE A 33 -13.76 -13.93 -17.32
CA ILE A 33 -13.28 -12.79 -16.48
C ILE A 33 -13.48 -13.10 -14.99
N ARG A 34 -12.40 -13.16 -14.20
CA ARG A 34 -12.45 -13.27 -12.73
C ARG A 34 -12.13 -11.90 -12.12
N ILE A 35 -13.09 -11.32 -11.41
CA ILE A 35 -12.91 -10.01 -10.71
C ILE A 35 -11.84 -10.26 -9.63
N PHE A 36 -10.87 -9.37 -9.54
CA PHE A 36 -9.86 -9.45 -8.45
C PHE A 36 -10.48 -8.99 -7.13
N PRO A 37 -10.28 -9.66 -5.98
CA PRO A 37 -10.79 -9.14 -4.70
C PRO A 37 -10.01 -7.91 -4.17
N ARG A 38 -10.39 -6.72 -4.63
CA ARG A 38 -9.78 -5.41 -4.28
C ARG A 38 -10.06 -5.15 -2.79
N ILE A 39 -9.14 -4.50 -2.06
CA ILE A 39 -9.40 -4.06 -0.68
C ILE A 39 -10.07 -2.69 -0.75
N ALA A 40 -9.63 -1.78 -1.61
CA ALA A 40 -10.14 -0.38 -1.66
C ALA A 40 -10.11 0.17 -3.10
N GLY A 41 -10.43 1.44 -3.27
CA GLY A 41 -10.39 2.16 -4.57
C GLY A 41 -11.59 1.75 -5.43
N ARG A 42 -11.65 2.18 -6.70
CA ARG A 42 -12.86 2.11 -7.56
C ARG A 42 -12.54 1.54 -8.95
N SER A 43 -11.26 1.36 -9.28
CA SER A 43 -10.84 0.95 -10.64
C SER A 43 -11.27 -0.49 -10.85
N TYR A 44 -11.58 -0.81 -12.10
CA TYR A 44 -11.83 -2.18 -12.58
C TYR A 44 -10.50 -2.93 -12.60
N ILE A 45 -10.40 -3.95 -11.79
CA ILE A 45 -9.20 -4.84 -11.70
C ILE A 45 -9.71 -6.26 -11.78
N ILE A 46 -9.10 -7.04 -12.67
CA ILE A 46 -9.42 -8.48 -12.91
C ILE A 46 -8.15 -9.30 -12.87
N TYR A 47 -8.27 -10.58 -12.58
CA TYR A 47 -7.15 -11.54 -12.71
C TYR A 47 -6.70 -11.53 -14.19
N GLY A 48 -5.41 -11.68 -14.40
CA GLY A 48 -4.87 -11.92 -15.75
C GLY A 48 -5.34 -13.27 -16.25
N GLN A 49 -5.28 -13.52 -17.55
CA GLN A 49 -5.59 -14.85 -18.12
C GLN A 49 -4.50 -15.84 -17.74
N THR A 50 -3.32 -15.40 -17.27
CA THR A 50 -2.19 -16.27 -16.83
C THR A 50 -1.87 -15.96 -15.37
N SER A 51 -1.08 -16.82 -14.76
CA SER A 51 -0.76 -16.83 -13.31
C SER A 51 0.05 -15.60 -12.92
N GLY A 52 -0.24 -14.99 -11.77
CA GLY A 52 0.71 -14.00 -11.17
C GLY A 52 0.48 -12.57 -11.67
N ILE A 53 -0.54 -12.33 -12.49
CA ILE A 53 -0.75 -11.02 -13.15
C ILE A 53 -2.15 -10.54 -12.76
N ILE A 54 -2.32 -9.23 -12.56
CA ILE A 54 -3.66 -8.59 -12.51
C ILE A 54 -3.70 -7.54 -13.59
N CYS A 55 -4.91 -7.24 -14.07
CA CYS A 55 -5.12 -6.24 -15.13
C CYS A 55 -5.93 -5.10 -14.52
N LYS A 56 -5.33 -3.92 -14.49
CA LYS A 56 -5.97 -2.73 -13.89
C LYS A 56 -6.34 -1.80 -15.01
N ARG A 57 -7.62 -1.48 -15.14
CA ARG A 57 -8.04 -0.50 -16.15
C ARG A 57 -7.67 0.93 -15.72
N MET A 58 -7.10 1.68 -16.65
CA MET A 58 -6.86 3.13 -16.51
C MET A 58 -8.16 3.85 -16.92
N GLU A 59 -8.85 4.43 -15.94
CA GLU A 59 -10.28 4.89 -16.10
C GLU A 59 -10.40 6.24 -16.85
N LYS A 60 -9.61 7.26 -16.53
CA LYS A 60 -9.88 8.67 -16.97
C LYS A 60 -8.79 9.21 -17.89
N SER A 61 -7.54 8.76 -17.67
CA SER A 61 -6.39 9.11 -18.53
C SER A 61 -5.36 7.99 -18.38
N ASP A 62 -4.35 8.03 -19.22
CA ASP A 62 -3.22 7.07 -19.13
C ASP A 62 -2.14 7.63 -18.19
N ASN A 63 -2.45 8.63 -17.30
CA ASN A 63 -1.45 9.21 -16.37
C ASN A 63 -0.70 8.10 -15.61
N GLU A 64 -1.39 7.04 -15.14
CA GLU A 64 -0.70 6.01 -14.34
C GLU A 64 0.44 5.37 -15.17
N PHE A 65 0.20 5.09 -16.43
CA PHE A 65 1.23 4.54 -17.35
C PHE A 65 2.39 5.52 -17.54
N VAL A 66 2.08 6.78 -17.83
CA VAL A 66 3.09 7.86 -17.99
C VAL A 66 3.98 7.90 -16.74
N ILE A 67 3.40 7.78 -15.55
CA ILE A 67 4.20 7.91 -14.32
C ILE A 67 5.02 6.63 -14.13
N TYR A 68 4.47 5.42 -14.34
CA TYR A 68 5.29 4.17 -14.26
C TYR A 68 6.53 4.35 -15.18
N ASN A 69 6.35 4.80 -16.43
CA ASN A 69 7.43 5.02 -17.43
C ASN A 69 8.43 6.07 -16.93
N TYR A 70 7.96 7.20 -16.44
CA TYR A 70 8.82 8.24 -15.85
C TYR A 70 9.67 7.71 -14.70
N ILE A 71 9.06 6.99 -13.75
CA ILE A 71 9.83 6.46 -12.59
C ILE A 71 10.83 5.45 -13.12
N SER A 72 10.45 4.65 -14.06
CA SER A 72 11.40 3.68 -14.64
C SER A 72 12.63 4.40 -15.24
N GLU A 73 12.43 5.50 -15.94
CA GLU A 73 13.53 6.26 -16.58
C GLU A 73 14.35 7.06 -15.56
N HIS A 74 13.76 7.65 -14.53
CA HIS A 74 14.47 8.58 -13.64
C HIS A 74 14.83 7.98 -12.28
N TYR A 75 14.06 7.01 -11.78
CA TYR A 75 14.24 6.48 -10.41
C TYR A 75 14.09 4.96 -10.47
N ASP A 76 14.87 4.30 -11.30
CA ASP A 76 14.65 2.86 -11.59
C ASP A 76 14.87 2.04 -10.31
N LYS A 77 15.72 2.46 -9.38
CA LYS A 77 15.99 1.66 -8.16
C LYS A 77 14.76 1.72 -7.27
N PHE A 78 14.14 2.88 -7.18
CA PHE A 78 12.87 3.06 -6.45
C PHE A 78 11.78 2.10 -6.96
N LEU A 79 11.63 2.02 -8.26
CA LEU A 79 10.61 1.17 -8.92
C LEU A 79 10.87 -0.29 -8.57
N LYS A 80 12.13 -0.73 -8.65
CA LYS A 80 12.45 -2.14 -8.42
C LYS A 80 12.23 -2.50 -6.93
N LYS A 81 12.50 -1.61 -6.00
CA LYS A 81 12.40 -1.95 -4.57
C LYS A 81 10.95 -1.87 -4.07
N TYR A 82 10.16 -0.87 -4.51
CA TYR A 82 8.93 -0.49 -3.77
C TYR A 82 7.64 -0.71 -4.57
N VAL A 83 7.69 -1.02 -5.84
CA VAL A 83 6.48 -0.94 -6.70
C VAL A 83 6.26 -2.31 -7.35
N PRO A 84 5.00 -2.76 -7.53
CA PRO A 84 4.75 -3.96 -8.33
C PRO A 84 5.32 -3.74 -9.74
N LYS A 85 5.83 -4.82 -10.32
CA LYS A 85 6.32 -4.84 -11.73
C LYS A 85 5.17 -4.52 -12.67
N LEU A 86 5.43 -3.67 -13.63
CA LEU A 86 4.51 -3.45 -14.78
C LEU A 86 5.01 -4.35 -15.90
N TYR A 87 4.26 -5.37 -16.26
CA TYR A 87 4.73 -6.31 -17.31
C TYR A 87 4.45 -5.74 -18.69
N GLY A 88 3.46 -4.87 -18.82
CA GLY A 88 3.08 -4.41 -20.14
C GLY A 88 1.73 -3.72 -20.08
N LYS A 89 1.21 -3.44 -21.25
CA LYS A 89 -0.07 -2.70 -21.38
C LYS A 89 -0.86 -3.38 -22.49
N ASN A 90 -2.16 -3.53 -22.29
CA ASN A 90 -3.10 -3.99 -23.34
C ASN A 90 -4.24 -2.97 -23.45
N ASN A 91 -4.21 -2.12 -24.46
CA ASN A 91 -5.21 -1.03 -24.62
C ASN A 91 -5.16 -0.14 -23.38
N ASP A 92 -6.23 -0.12 -22.61
CA ASP A 92 -6.30 0.69 -21.37
C ASP A 92 -5.93 -0.14 -20.12
N MET A 93 -5.53 -1.41 -20.24
CA MET A 93 -5.26 -2.29 -19.06
C MET A 93 -3.73 -2.30 -18.79
N LEU A 94 -3.30 -2.01 -17.57
CA LEU A 94 -1.95 -2.28 -17.07
C LEU A 94 -1.87 -3.74 -16.62
N LEU A 95 -0.85 -4.48 -17.08
CA LEU A 95 -0.57 -5.86 -16.60
C LEU A 95 0.45 -5.77 -15.47
N LEU A 96 0.00 -5.97 -14.25
CA LEU A 96 0.80 -5.73 -13.03
C LEU A 96 1.04 -7.03 -12.32
N GLU A 97 2.19 -7.09 -11.67
CA GLU A 97 2.50 -8.13 -10.67
C GLU A 97 1.37 -8.18 -9.65
N ASP A 98 0.82 -9.38 -9.45
CA ASP A 98 -0.13 -9.66 -8.36
C ASP A 98 0.69 -9.83 -7.07
N LEU A 99 0.62 -8.83 -6.19
CA LEU A 99 1.38 -8.81 -4.92
C LEU A 99 0.86 -9.89 -3.96
N THR A 100 -0.31 -10.47 -4.20
CA THR A 100 -0.88 -11.52 -3.30
C THR A 100 -0.53 -12.91 -3.80
N TYR A 101 0.12 -13.01 -4.95
CA TYR A 101 0.24 -14.29 -5.68
C TYR A 101 1.02 -15.31 -4.86
N ASN A 102 2.15 -14.96 -4.25
CA ASN A 102 2.98 -16.00 -3.58
C ASN A 102 2.50 -16.32 -2.16
N TYR A 103 1.22 -16.11 -1.82
CA TYR A 103 0.75 -16.25 -0.42
C TYR A 103 -0.32 -17.32 -0.37
N ASN A 104 -0.25 -18.19 0.62
CA ASN A 104 -1.32 -19.20 0.85
C ASN A 104 -2.55 -18.51 1.40
N ASN A 105 -2.39 -17.66 2.41
CA ASN A 105 -3.53 -16.98 3.04
C ASN A 105 -3.16 -15.51 3.21
N PRO A 106 -3.29 -14.67 2.17
CA PRO A 106 -2.86 -13.29 2.30
C PRO A 106 -3.87 -12.49 3.10
N ASN A 107 -3.33 -11.58 3.91
CA ASN A 107 -4.09 -10.52 4.60
C ASN A 107 -3.58 -9.21 4.03
N VAL A 108 -4.45 -8.37 3.50
CA VAL A 108 -4.04 -7.12 2.79
C VAL A 108 -4.64 -5.91 3.47
N MET A 109 -3.85 -4.86 3.67
CA MET A 109 -4.35 -3.55 4.12
C MET A 109 -3.86 -2.49 3.12
N ASP A 110 -4.79 -1.64 2.69
CA ASP A 110 -4.55 -0.50 1.79
C ASP A 110 -4.52 0.73 2.69
N VAL A 111 -3.36 1.39 2.76
CA VAL A 111 -3.24 2.67 3.48
C VAL A 111 -2.91 3.77 2.48
N LYS A 112 -3.76 4.77 2.36
CA LYS A 112 -3.47 5.94 1.48
C LYS A 112 -2.48 6.85 2.21
N ILE A 113 -1.32 7.05 1.62
CA ILE A 113 -0.20 7.83 2.19
C ILE A 113 -0.01 9.15 1.44
N GLY A 114 -0.42 9.22 0.18
CA GLY A 114 -0.39 10.45 -0.62
C GLY A 114 -1.62 11.32 -0.29
N ALA A 115 -1.58 12.57 -0.70
CA ALA A 115 -2.70 13.52 -0.47
C ALA A 115 -3.96 12.91 -1.04
N ARG A 116 -5.06 13.08 -0.33
CA ARG A 116 -6.40 12.79 -0.85
C ARG A 116 -6.82 13.96 -1.73
N LYS A 117 -7.90 13.76 -2.50
CA LYS A 117 -8.36 14.74 -3.51
C LYS A 117 -8.81 16.01 -2.77
N ARG A 118 -9.69 15.88 -1.78
CA ARG A 118 -10.18 17.08 -1.05
C ARG A 118 -10.06 16.90 0.47
N LYS A 119 -10.52 15.77 0.98
CA LYS A 119 -10.63 15.47 2.42
C LYS A 119 -9.24 15.47 3.06
N SER A 120 -9.21 15.80 4.34
CA SER A 120 -8.11 15.45 5.25
C SER A 120 -8.08 13.92 5.46
N HIS A 121 -6.94 13.44 5.93
CA HIS A 121 -6.71 12.01 6.24
C HIS A 121 -7.53 11.63 7.46
N THR A 122 -8.13 10.43 7.45
CA THR A 122 -8.86 9.86 8.59
C THR A 122 -7.96 9.69 9.82
N SER A 123 -6.64 9.50 9.67
CA SER A 123 -5.70 9.32 10.82
C SER A 123 -4.66 10.43 10.79
N GLY A 124 -5.07 11.59 10.30
CA GLY A 124 -4.25 12.82 10.34
C GLY A 124 -3.19 12.84 9.26
N PHE A 125 -2.29 11.85 9.22
CA PHE A 125 -1.16 11.83 8.25
C PHE A 125 -1.34 10.76 7.16
N PHE A 126 -2.32 9.88 7.33
CA PHE A 126 -2.68 8.81 6.36
C PHE A 126 -4.13 8.41 6.63
N SER A 127 -4.68 7.59 5.75
CA SER A 127 -6.04 7.00 5.85
C SER A 127 -5.96 5.52 5.54
N ILE A 128 -6.20 4.70 6.54
CA ILE A 128 -6.52 3.29 6.23
C ILE A 128 -7.72 3.30 5.28
N ARG A 129 -7.61 2.63 4.14
CA ARG A 129 -8.73 2.55 3.17
C ARG A 129 -9.49 1.23 3.28
N GLY A 130 -8.87 0.18 3.80
CA GLY A 130 -9.54 -1.13 3.91
C GLY A 130 -8.56 -2.19 4.33
N TYR A 131 -9.06 -3.32 4.75
CA TYR A 131 -8.20 -4.47 5.08
C TYR A 131 -9.04 -5.73 5.06
N THR A 132 -8.36 -6.85 4.88
CA THR A 132 -8.96 -8.20 4.87
C THR A 132 -9.70 -8.37 6.20
N ASN A 133 -10.97 -8.66 6.15
CA ASN A 133 -11.85 -8.96 7.32
C ASN A 133 -12.27 -7.68 8.07
N SER A 134 -12.11 -6.48 7.48
CA SER A 134 -12.43 -5.21 8.15
C SER A 134 -13.93 -5.18 8.51
N HIS A 135 -14.73 -5.83 7.71
CA HIS A 135 -16.21 -5.84 7.92
C HIS A 135 -16.55 -6.42 9.31
N ASP A 136 -15.82 -7.45 9.75
CA ASP A 136 -15.94 -8.08 11.10
C ASP A 136 -15.75 -7.08 12.25
N TYR A 137 -15.05 -5.96 12.02
CA TYR A 137 -14.62 -5.02 13.07
C TYR A 137 -15.39 -3.74 12.91
N LYS A 138 -16.38 -3.71 12.00
CA LYS A 138 -17.17 -2.49 11.70
C LYS A 138 -16.25 -1.36 11.28
N PHE A 139 -15.24 -1.70 10.49
CA PHE A 139 -14.41 -0.65 9.88
C PHE A 139 -15.28 0.15 8.90
N ASP A 140 -15.11 1.45 8.89
CA ASP A 140 -15.82 2.37 8.00
C ASP A 140 -14.81 3.35 7.43
N PRO A 141 -14.58 3.30 6.11
CA PRO A 141 -13.54 4.16 5.50
C PRO A 141 -13.85 5.66 5.53
N ASP A 142 -15.09 6.01 5.84
CA ASP A 142 -15.50 7.43 5.98
C ASP A 142 -15.28 7.92 7.40
N GLU A 143 -14.98 7.03 8.35
CA GLU A 143 -14.91 7.41 9.79
C GLU A 143 -13.54 8.03 10.14
N TYR A 144 -13.54 9.26 10.67
CA TYR A 144 -12.31 9.90 11.21
C TYR A 144 -11.95 9.19 12.50
N LEU A 145 -10.68 8.85 12.70
CA LEU A 145 -10.20 7.95 13.77
C LEU A 145 -9.30 8.73 14.71
N THR A 146 -9.44 8.47 16.02
CA THR A 146 -8.46 8.93 17.01
C THR A 146 -7.19 8.09 16.81
N SER A 147 -6.11 8.42 17.50
CA SER A 147 -4.86 7.63 17.57
C SER A 147 -5.18 6.25 18.07
N GLU A 148 -6.02 6.17 19.09
CA GLU A 148 -6.31 4.87 19.69
C GLU A 148 -7.08 4.00 18.69
N SER A 149 -8.07 4.56 17.98
CA SER A 149 -8.92 3.78 17.03
C SER A 149 -8.07 3.35 15.82
N THR A 150 -7.18 4.24 15.38
CA THR A 150 -6.20 3.96 14.30
C THR A 150 -5.39 2.71 14.67
N ILE A 151 -4.77 2.70 15.84
CA ILE A 151 -3.98 1.55 16.34
C ILE A 151 -4.84 0.30 16.41
N ASN A 152 -6.06 0.42 16.92
CA ASN A 152 -6.99 -0.72 17.08
C ASN A 152 -7.29 -1.36 15.71
N HIS A 153 -7.50 -0.59 14.65
CA HIS A 153 -7.77 -1.15 13.28
C HIS A 153 -6.55 -1.87 12.75
N ILE A 154 -5.35 -1.34 13.02
CA ILE A 154 -4.11 -2.05 12.63
C ILE A 154 -3.99 -3.33 13.44
N LYS A 155 -4.26 -3.30 14.74
CA LYS A 155 -4.29 -4.56 15.50
C LYS A 155 -5.34 -5.52 14.96
N ASN A 156 -6.50 -5.04 14.59
CA ASN A 156 -7.56 -5.89 13.97
C ASN A 156 -7.02 -6.58 12.72
N PHE A 157 -6.33 -5.80 11.87
CA PHE A 157 -5.77 -6.32 10.63
C PHE A 157 -4.79 -7.44 10.94
N MET A 158 -4.05 -7.33 12.04
CA MET A 158 -3.00 -8.31 12.44
C MET A 158 -3.62 -9.51 13.18
N GLU A 159 -4.92 -9.52 13.49
CA GLU A 159 -5.50 -10.66 14.32
C GLU A 159 -5.38 -11.97 13.58
N ALA A 160 -5.57 -12.01 12.26
CA ALA A 160 -5.46 -13.26 11.46
C ALA A 160 -4.10 -13.92 11.60
N GLY A 161 -3.08 -13.17 11.97
CA GLY A 161 -1.71 -13.66 12.11
C GLY A 161 -1.52 -14.48 13.40
N GLY A 162 -2.51 -14.49 14.29
CA GLY A 162 -2.56 -15.49 15.38
C GLY A 162 -1.86 -14.96 16.62
N GLU A 163 -1.63 -15.83 17.60
CA GLU A 163 -1.34 -15.43 18.99
C GLU A 163 0.16 -15.53 19.26
N ASN A 164 0.93 -16.13 18.35
CA ASN A 164 2.41 -16.20 18.44
C ASN A 164 2.94 -14.76 18.29
N ARG A 165 3.14 -14.10 19.41
CA ARG A 165 3.59 -12.69 19.50
C ARG A 165 4.96 -12.56 18.81
N ASP A 166 5.85 -13.54 18.92
CA ASP A 166 7.18 -13.55 18.29
C ASP A 166 7.04 -13.40 16.77
N LYS A 167 6.18 -14.20 16.15
CA LYS A 167 6.00 -14.22 14.67
C LYS A 167 5.33 -12.91 14.20
N THR A 168 4.36 -12.37 14.91
CA THR A 168 3.69 -11.13 14.45
C THR A 168 4.69 -9.97 14.60
N LYS A 169 5.47 -9.96 15.68
CA LYS A 169 6.51 -8.92 15.87
C LYS A 169 7.47 -8.87 14.68
N GLN A 170 7.89 -10.04 14.18
CA GLN A 170 8.81 -10.16 13.04
C GLN A 170 8.18 -9.56 11.76
N VAL A 171 6.89 -9.78 11.52
CA VAL A 171 6.15 -9.14 10.39
C VAL A 171 6.24 -7.60 10.56
N LEU A 172 5.95 -7.10 11.74
CA LEU A 172 6.01 -5.64 12.00
C LEU A 172 7.43 -5.14 11.71
N LEU A 173 8.45 -5.81 12.20
CA LEU A 173 9.85 -5.37 12.06
C LEU A 173 10.26 -5.35 10.58
N LYS A 174 9.84 -6.35 9.78
CA LYS A 174 10.19 -6.39 8.37
C LYS A 174 9.46 -5.25 7.61
N TRP A 175 8.23 -4.91 8.00
CA TRP A 175 7.53 -3.75 7.42
C TRP A 175 8.29 -2.46 7.80
N ILE A 176 8.69 -2.35 9.05
CA ILE A 176 9.44 -1.17 9.55
C ILE A 176 10.74 -1.05 8.74
N MET A 177 11.45 -2.13 8.54
CA MET A 177 12.72 -2.10 7.77
C MET A 177 12.49 -1.48 6.38
N LYS A 178 11.49 -1.95 5.67
CA LYS A 178 11.23 -1.50 4.30
C LYS A 178 10.63 -0.08 4.27
N LEU A 179 9.77 0.25 5.21
CA LEU A 179 9.17 1.61 5.25
C LEU A 179 10.23 2.66 5.62
N SER A 180 11.13 2.31 6.54
N SER A 180 11.16 2.32 6.52
CA SER A 180 12.27 3.18 6.94
CA SER A 180 12.23 3.27 6.92
C SER A 180 13.06 3.55 5.68
C SER A 180 13.11 3.56 5.70
N GLU A 181 13.45 2.54 4.91
CA GLU A 181 14.23 2.74 3.68
C GLU A 181 13.41 3.58 2.69
N LEU A 182 12.11 3.31 2.55
CA LEU A 182 11.22 4.06 1.63
C LEU A 182 11.23 5.54 2.03
N ALA A 183 11.00 5.84 3.29
CA ALA A 183 10.97 7.23 3.76
C ALA A 183 12.32 7.90 3.48
N ASN A 184 13.42 7.20 3.76
CA ASN A 184 14.78 7.69 3.48
C ASN A 184 14.88 8.03 1.99
N ASP A 185 14.45 7.11 1.12
CA ASP A 185 14.56 7.21 -0.35
C ASP A 185 13.68 8.36 -0.91
N LEU A 186 12.52 8.58 -0.32
CA LEU A 186 11.55 9.58 -0.79
C LEU A 186 12.15 11.01 -0.71
N PHE A 187 13.09 11.27 0.19
CA PHE A 187 13.76 12.59 0.27
C PHE A 187 14.37 12.96 -1.09
N GLU A 188 14.75 12.02 -1.94
CA GLU A 188 15.49 12.29 -3.19
C GLU A 188 14.57 12.13 -4.41
N ILE A 189 13.25 12.10 -4.26
CA ILE A 189 12.35 11.83 -5.42
C ILE A 189 11.44 13.03 -5.66
N ASN A 190 11.50 13.62 -6.86
CA ASN A 190 10.76 14.88 -7.14
C ASN A 190 9.41 14.53 -7.78
N LEU A 191 8.51 13.92 -7.01
CA LEU A 191 7.16 13.57 -7.42
C LEU A 191 6.26 13.98 -6.27
N LYS A 192 5.05 14.36 -6.60
CA LYS A 192 4.00 14.59 -5.60
C LYS A 192 3.10 13.35 -5.65
N PHE A 193 3.19 12.49 -4.65
CA PHE A 193 2.59 11.14 -4.69
C PHE A 193 1.10 11.20 -4.33
N ASP A 194 0.38 12.18 -4.90
CA ASP A 194 -1.06 12.31 -4.63
C ASP A 194 -1.75 10.96 -4.86
N GLY A 195 -2.58 10.54 -3.89
CA GLY A 195 -3.48 9.39 -4.01
C GLY A 195 -2.75 8.05 -3.89
N VAL A 196 -1.43 8.00 -3.72
CA VAL A 196 -0.74 6.68 -3.66
C VAL A 196 -1.08 5.96 -2.35
N SER A 197 -1.05 4.64 -2.42
CA SER A 197 -1.32 3.76 -1.27
C SER A 197 -0.14 2.80 -1.01
N LEU A 198 -0.01 2.40 0.24
CA LEU A 198 0.86 1.28 0.66
C LEU A 198 -0.04 0.03 0.71
N ILE A 199 0.40 -1.04 0.10
CA ILE A 199 -0.33 -2.32 0.21
C ILE A 199 0.49 -3.22 1.14
N PHE A 200 0.04 -3.35 2.39
CA PHE A 200 0.62 -4.24 3.41
C PHE A 200 0.05 -5.64 3.23
N ILE A 201 0.91 -6.66 3.18
CA ILE A 201 0.46 -8.06 3.02
C ILE A 201 1.25 -8.92 4.00
N TYR A 202 0.55 -9.82 4.70
CA TYR A 202 1.22 -10.89 5.47
C TYR A 202 0.38 -12.17 5.33
N ASP A 203 1.08 -13.27 5.34
CA ASP A 203 0.43 -14.61 5.36
C ASP A 203 -0.06 -14.92 6.78
N ASP A 204 -1.21 -15.55 6.94
CA ASP A 204 -1.74 -15.99 8.26
C ASP A 204 -0.65 -16.68 9.10
N ASP A 205 0.22 -17.49 8.51
CA ASP A 205 1.25 -18.22 9.27
C ASP A 205 2.45 -17.29 9.60
N CYS A 206 2.36 -16.03 9.19
CA CYS A 206 3.40 -14.99 9.39
C CYS A 206 4.73 -15.46 8.83
N SER A 207 4.76 -16.39 7.86
CA SER A 207 6.06 -16.86 7.29
C SER A 207 6.55 -15.83 6.26
N LYS A 208 5.71 -14.90 5.82
CA LYS A 208 6.07 -14.02 4.69
C LYS A 208 5.27 -12.71 4.81
N CYS A 209 5.88 -11.60 4.46
CA CYS A 209 5.15 -10.32 4.45
C CYS A 209 5.87 -9.36 3.49
N ASP A 210 5.19 -8.29 3.11
CA ASP A 210 5.80 -7.22 2.30
C ASP A 210 4.90 -5.99 2.42
N VAL A 211 5.41 -4.90 1.91
CA VAL A 211 4.66 -3.64 1.69
C VAL A 211 5.21 -2.98 0.44
N ASN A 212 4.34 -2.52 -0.44
CA ASN A 212 4.69 -1.90 -1.71
C ASN A 212 3.80 -0.66 -1.95
N VAL A 213 4.25 0.25 -2.80
CA VAL A 213 3.55 1.48 -3.21
C VAL A 213 2.78 1.21 -4.49
N VAL A 214 1.50 1.56 -4.51
CA VAL A 214 0.65 1.37 -5.72
C VAL A 214 -0.19 2.63 -5.98
N ASP A 215 -0.70 2.71 -7.20
CA ASP A 215 -1.73 3.67 -7.64
C ASP A 215 -1.08 5.00 -7.96
N PHE A 216 -0.49 5.10 -9.14
CA PHE A 216 0.17 6.32 -9.63
C PHE A 216 -0.78 7.20 -10.47
N SER A 217 -2.09 6.94 -10.41
CA SER A 217 -3.09 7.61 -11.30
C SER A 217 -3.09 9.14 -11.11
N ARG A 218 -2.77 9.68 -9.92
CA ARG A 218 -2.83 11.15 -9.66
C ARG A 218 -1.45 11.74 -9.38
N VAL A 219 -0.39 10.96 -9.59
CA VAL A 219 0.97 11.43 -9.27
C VAL A 219 1.39 12.48 -10.30
N LYS A 220 2.12 13.49 -9.86
CA LYS A 220 2.54 14.69 -10.63
C LYS A 220 4.03 14.92 -10.46
N LEU A 221 4.70 15.41 -11.51
CA LEU A 221 6.07 15.97 -11.44
C LEU A 221 6.04 17.27 -10.64
N ILE A 222 6.99 17.43 -9.73
CA ILE A 222 7.28 18.68 -8.98
C ILE A 222 8.80 18.83 -8.92
N ASP A 223 9.24 19.94 -8.33
CA ASP A 223 10.64 20.40 -8.32
C ASP A 223 11.21 20.18 -6.93
N THR A 224 10.51 19.46 -6.06
CA THR A 224 11.00 19.16 -4.70
C THR A 224 10.50 17.76 -4.29
N ASN A 225 10.86 17.31 -3.10
CA ASN A 225 10.36 16.01 -2.55
C ASN A 225 8.94 16.23 -1.98
N ASP A 226 8.24 15.16 -1.65
CA ASP A 226 6.85 15.26 -1.12
C ASP A 226 6.86 15.09 0.40
N GLN A 227 6.83 16.20 1.15
CA GLN A 227 6.95 16.15 2.62
C GLN A 227 5.70 15.52 3.23
N MET A 228 4.52 15.71 2.63
CA MET A 228 3.27 15.16 3.21
C MET A 228 3.36 13.63 3.17
N THR A 229 3.75 13.08 2.03
CA THR A 229 3.89 11.60 1.85
C THR A 229 4.99 11.09 2.75
N ILE A 230 6.12 11.79 2.87
CA ILE A 230 7.16 11.37 3.85
C ILE A 230 6.57 11.35 5.27
N SER A 231 5.78 12.35 5.67
CA SER A 231 5.13 12.41 7.00
C SER A 231 4.19 11.24 7.22
N ALA A 232 3.45 10.83 6.19
CA ALA A 232 2.56 9.64 6.32
C ALA A 232 3.43 8.43 6.66
N VAL A 233 4.55 8.26 5.95
CA VAL A 233 5.37 7.03 6.10
C VAL A 233 6.03 7.06 7.49
N THR A 234 6.59 8.19 7.94
CA THR A 234 7.24 8.27 9.26
C THR A 234 6.20 8.06 10.35
N ASN A 235 4.97 8.51 10.17
CA ASN A 235 3.91 8.33 11.18
C ASN A 235 3.58 6.85 11.27
N LEU A 236 3.54 6.14 10.14
CA LEU A 236 3.24 4.71 10.16
C LEU A 236 4.37 3.98 10.87
N ILE A 237 5.62 4.39 10.63
CA ILE A 237 6.82 3.78 11.23
C ILE A 237 6.69 3.96 12.74
N LYS A 238 6.26 5.15 13.14
CA LYS A 238 6.17 5.41 14.60
C LYS A 238 5.14 4.45 15.21
N ILE A 239 3.99 4.35 14.58
CA ILE A 239 2.87 3.54 15.12
C ILE A 239 3.29 2.07 15.15
N LEU A 240 3.81 1.59 14.03
CA LEU A 240 4.21 0.17 13.94
C LEU A 240 5.34 -0.10 14.95
N SER A 241 6.27 0.71 15.14
N SER A 241 6.29 0.69 15.17
CA SER A 241 7.39 0.56 16.11
CA SER A 241 7.38 0.46 16.15
C SER A 241 6.83 0.41 17.55
C SER A 241 6.80 0.35 17.57
N GLU A 242 5.79 1.20 17.90
CA GLU A 242 5.07 1.15 19.19
C GLU A 242 4.42 -0.24 19.33
N LEU A 243 3.82 -0.73 18.26
CA LEU A 243 3.18 -2.05 18.27
C LEU A 243 4.23 -3.15 18.43
N ALA A 244 5.32 -3.05 17.68
CA ALA A 244 6.37 -4.09 17.77
C ALA A 244 7.02 -4.08 19.16
N ASP A 245 7.00 -2.95 19.86
CA ASP A 245 7.67 -2.85 21.17
C ASP A 245 6.73 -3.09 22.35
N ASN A 246 5.42 -3.07 22.15
CA ASN A 246 4.53 -3.17 23.33
C ASN A 246 4.66 -4.53 24.01
N PRO A 247 4.64 -4.57 25.35
CA PRO A 247 4.69 -5.82 26.08
C PRO A 247 3.27 -6.25 26.47
PB ADP B . -7.59 2.44 -7.45
O1B ADP B . -7.59 3.15 -6.10
O2B ADP B . -8.80 1.68 -7.78
O3B ADP B . -7.08 3.44 -8.61
PA ADP B . -5.20 0.94 -6.55
O1A ADP B . -5.18 1.89 -5.39
O2A ADP B . -3.97 0.75 -7.40
O3A ADP B . -6.43 1.25 -7.52
O5' ADP B . -5.63 -0.52 -6.03
C5' ADP B . -6.94 -0.81 -5.49
C4' ADP B . -6.84 -2.12 -4.77
O4' ADP B . -6.32 -3.13 -5.66
C3' ADP B . -5.85 -2.14 -3.59
O3' ADP B . -6.52 -1.78 -2.38
C2' ADP B . -5.41 -3.61 -3.55
O2' ADP B . -6.34 -4.41 -2.85
C1' ADP B . -5.43 -4.00 -5.02
N9 ADP B . -4.14 -3.93 -5.72
C8 ADP B . -3.66 -2.93 -6.53
N7 ADP B . -2.50 -3.21 -7.10
C5 ADP B . -2.26 -4.51 -6.70
C6 ADP B . -1.22 -5.37 -7.00
N6 ADP B . -0.22 -5.04 -7.86
N1 ADP B . -1.29 -6.60 -6.46
C2 ADP B . -2.32 -6.92 -5.65
N3 ADP B . -3.36 -6.17 -5.27
C4 ADP B . -3.26 -4.97 -5.83
MG MG C . -5.99 3.66 -4.90
O21 ZNQ D . -11.28 5.58 -4.83
P1 ZNQ D . -10.68 6.40 -3.55
O41 ZNQ D . -11.42 6.03 -2.32
O31 ZNQ D . -9.09 5.94 -3.41
O11 ZNQ D . -10.59 8.09 -3.83
C1 ZNQ D . -11.73 8.78 -4.09
C6 ZNQ D . -11.52 10.08 -3.54
O16 ZNQ D . -11.29 9.85 -2.13
P6 ZNQ D . -10.07 10.63 -1.45
O46 ZNQ D . -8.98 11.26 -2.51
O26 ZNQ D . -10.74 11.60 -0.49
O36 ZNQ D . -9.17 9.40 -0.59
C5 ZNQ D . -12.74 10.98 -3.58
O15 ZNQ D . -12.22 12.22 -3.21
P5 ZNQ D . -12.87 13.28 -2.20
O45 ZNQ D . -11.62 14.01 -1.40
O35 ZNQ D . -13.42 14.32 -3.32
O25 ZNQ D . -13.95 12.54 -1.46
C2 ZNQ D . -12.04 8.81 -5.61
O12 ZNQ D . -12.50 7.45 -6.17
C3 ZNQ D . -13.35 9.72 -5.67
O13 ZNQ D . -13.73 9.79 -7.01
C4 ZNQ D . -13.19 11.10 -5.06
O14 ZNQ D . -14.46 11.90 -5.11
P4 ZNQ D . -14.83 12.83 -6.40
O24 ZNQ D . -13.54 13.47 -6.86
O44 ZNQ D . -16.11 13.81 -5.97
O34 ZNQ D . -15.53 11.77 -7.49
#